data_3REP
#
_entry.id   3REP
#
_cell.length_a   44.022
_cell.length_b   116.280
_cell.length_c   47.284
_cell.angle_alpha   90.00
_cell.angle_beta   101.53
_cell.angle_gamma   90.00
#
_symmetry.space_group_name_H-M   'P 1 21 1'
#
loop_
_entity.id
_entity.type
_entity.pdbx_description
1 polymer 'Integrin-linked kinase'
2 polymer Alpha-parvin
3 non-polymer 'MANGANESE (II) ION'
4 non-polymer "ADENOSINE-5'-TRIPHOSPHATE"
5 water water
#
loop_
_entity_poly.entity_id
_entity_poly.type
_entity_poly.pdbx_seq_one_letter_code
_entity_poly.pdbx_strand_id
1 'polypeptide(L)'
;MNKHSGIDFKQLNFLTKLNENHSGELWKGRWQGNDIVVKVLKVRDWSTRKSRDFNEECPRLRIFSHPNVLPVLGACQSPP
APHPTLITHWMPYGSLYNVLHEGTNFVVDQSQAVKFALDMARGMAFLHTLEPLIPRHALNSRSVMIDEDMTARISMADVK
FSFQSPGRMYAPAWVAPEALQKKPEDTNRRSADMWSFAVLLWELVTREVPFADLSNMEIGMKVALEGLRPTIPPGISPHV
SKLMKICMNEDPAKRPKFDMIVPILEKMQDK
;
A
2 'polypeptide(L)'
;GSHMDAFDTLFDHAPDKLNVVKKTLITFVNKHLNKLNLEVTELETQFADGVYLVLLMGLLEGYFVPLHSFFLTPDSFEQK
VLNVSFAFELMQDGGLEKPKPRPEDIVNCDLKSTLRVLYNLFTKYRNVE
;
B
#
loop_
_chem_comp.id
_chem_comp.type
_chem_comp.name
_chem_comp.formula
ATP non-polymer ADENOSINE-5'-TRIPHOSPHATE 'C10 H16 N5 O13 P3'
MN non-polymer 'MANGANESE (II) ION' 'Mn 2'
#
# COMPACT_ATOMS: atom_id res chain seq x y z
N HIS A 4 22.01 -21.05 -2.59
CA HIS A 4 20.81 -20.21 -2.90
C HIS A 4 19.59 -21.10 -3.12
N SER A 5 19.46 -22.10 -2.25
CA SER A 5 18.30 -22.98 -2.20
C SER A 5 17.27 -22.37 -1.25
N GLY A 6 17.72 -21.39 -0.46
CA GLY A 6 16.85 -20.69 0.48
C GLY A 6 16.73 -21.45 1.78
N ILE A 7 15.75 -21.06 2.59
CA ILE A 7 15.47 -21.68 3.87
C ILE A 7 14.47 -22.82 3.65
N ASP A 8 14.66 -23.92 4.41
CA ASP A 8 13.76 -25.05 4.36
C ASP A 8 12.55 -24.72 5.23
N PHE A 9 11.40 -24.66 4.58
CA PHE A 9 10.14 -24.30 5.22
C PHE A 9 9.79 -25.23 6.41
N LYS A 10 10.22 -26.48 6.32
CA LYS A 10 9.90 -27.48 7.35
C LYS A 10 10.62 -27.26 8.68
N GLN A 11 11.74 -26.53 8.60
CA GLN A 11 12.51 -26.13 9.75
C GLN A 11 11.89 -24.99 10.55
N LEU A 12 10.87 -24.34 10.01
CA LEU A 12 10.27 -23.23 10.71
C LEU A 12 9.36 -23.73 11.80
N ASN A 13 9.54 -23.16 12.99
CA ASN A 13 8.64 -23.34 14.12
C ASN A 13 7.61 -22.20 14.17
N PHE A 14 6.38 -22.47 13.75
CA PHE A 14 5.32 -21.46 13.78
C PHE A 14 4.69 -21.42 15.19
N LEU A 15 4.83 -20.29 15.88
CA LEU A 15 4.43 -20.19 17.28
C LEU A 15 3.07 -19.59 17.45
N THR A 16 2.86 -18.40 16.88
CA THR A 16 1.56 -17.75 16.99
C THR A 16 1.28 -16.82 15.81
N LYS A 17 0.04 -16.83 15.30
CA LYS A 17 -0.33 -16.00 14.19
C LYS A 17 -0.59 -14.56 14.62
N LEU A 18 0.06 -13.63 13.93
CA LEU A 18 0.01 -12.22 14.27
C LEU A 18 -0.98 -11.43 13.44
N ASN A 19 -1.20 -11.85 12.19
CA ASN A 19 -2.03 -11.10 11.27
C ASN A 19 -2.37 -11.94 10.05
N GLU A 20 -3.52 -11.65 9.46
CA GLU A 20 -3.80 -12.02 8.07
C GLU A 20 -4.40 -10.79 7.34
N ASN A 21 -4.02 -10.61 6.09
CA ASN A 21 -4.45 -9.44 5.32
C ASN A 21 -4.36 -9.71 3.83
N HIS A 22 -4.47 -8.66 3.03
CA HIS A 22 -4.37 -8.71 1.57
C HIS A 22 -3.10 -9.44 1.06
N SER A 23 -2.00 -9.33 1.80
CA SER A 23 -0.71 -9.94 1.39
C SER A 23 -0.61 -11.45 1.67
N GLY A 24 -1.34 -11.93 2.67
CA GLY A 24 -1.19 -13.29 3.14
C GLY A 24 -1.28 -13.25 4.67
N GLU A 25 -0.25 -13.79 5.32
CA GLU A 25 -0.24 -13.81 6.79
C GLU A 25 1.13 -13.64 7.40
N LEU A 26 1.11 -13.29 8.68
CA LEU A 26 2.30 -13.12 9.49
C LEU A 26 2.18 -13.88 10.79
N TRP A 27 3.22 -14.66 11.07
CA TRP A 27 3.35 -15.44 12.30
C TRP A 27 4.60 -15.04 13.03
N LYS A 28 4.53 -15.06 14.38
CA LYS A 28 5.72 -15.12 15.19
C LYS A 28 6.16 -16.59 15.25
N GLY A 29 7.47 -16.80 15.14
CA GLY A 29 8.04 -18.14 15.13
C GLY A 29 9.50 -18.23 15.54
N ARG A 30 10.10 -19.39 15.30
CA ARG A 30 11.53 -19.61 15.57
C ARG A 30 12.11 -20.42 14.43
N TRP A 31 13.38 -20.15 14.12
CA TRP A 31 14.17 -20.89 13.13
C TRP A 31 15.64 -20.78 13.48
N GLN A 32 16.28 -21.94 13.63
CA GLN A 32 17.73 -22.04 13.90
C GLN A 32 18.21 -21.06 15.00
N GLY A 33 17.48 -21.06 16.12
CA GLY A 33 17.74 -20.30 17.32
C GLY A 33 17.44 -18.80 17.27
N ASN A 34 16.78 -18.37 16.18
CA ASN A 34 16.35 -16.98 15.99
C ASN A 34 14.87 -16.83 16.28
N ASP A 35 14.51 -15.81 17.05
CA ASP A 35 13.11 -15.35 17.18
C ASP A 35 12.84 -14.52 15.92
N ILE A 36 11.81 -14.94 15.20
CA ILE A 36 11.48 -14.45 13.85
C ILE A 36 9.99 -14.12 13.67
N VAL A 37 9.70 -13.36 12.61
CA VAL A 37 8.38 -13.41 12.05
C VAL A 37 8.50 -14.06 10.69
N VAL A 38 7.44 -14.74 10.31
CA VAL A 38 7.32 -15.47 9.07
C VAL A 38 6.20 -14.84 8.25
N LYS A 39 6.59 -14.20 7.15
CA LYS A 39 5.60 -13.63 6.23
C LYS A 39 5.26 -14.62 5.11
N VAL A 40 4.01 -15.08 5.11
CA VAL A 40 3.50 -16.07 4.17
C VAL A 40 2.68 -15.34 3.11
N LEU A 41 3.21 -15.28 1.88
CA LEU A 41 2.54 -14.53 0.81
C LEU A 41 1.51 -15.38 0.07
N LYS A 42 0.27 -14.90 0.04
CA LYS A 42 -0.76 -15.58 -0.72
C LYS A 42 -0.86 -14.88 -2.06
N VAL A 43 -0.84 -15.65 -3.13
CA VAL A 43 -0.79 -15.08 -4.47
C VAL A 43 -1.73 -15.84 -5.39
N ARG A 44 -2.66 -15.10 -6.00
CA ARG A 44 -3.59 -15.71 -6.92
C ARG A 44 -2.83 -15.96 -8.25
N ASP A 45 -3.14 -17.04 -8.95
CA ASP A 45 -2.47 -17.37 -10.22
C ASP A 45 -0.94 -17.42 -10.02
N TRP A 46 -0.50 -18.14 -8.98
CA TRP A 46 0.93 -18.38 -8.77
C TRP A 46 1.42 -19.13 -10.02
N SER A 47 2.63 -18.83 -10.48
CA SER A 47 3.14 -19.48 -11.70
C SER A 47 4.60 -19.72 -11.51
N THR A 48 5.19 -20.45 -12.46
CA THR A 48 6.61 -20.72 -12.37
C THR A 48 7.39 -19.43 -12.56
N ARG A 49 6.90 -18.56 -13.46
CA ARG A 49 7.49 -17.24 -13.68
C ARG A 49 7.55 -16.42 -12.35
N LYS A 50 6.43 -16.32 -11.64
CA LYS A 50 6.37 -15.59 -10.36
C LYS A 50 7.27 -16.21 -9.33
N SER A 51 7.31 -17.55 -9.27
CA SER A 51 8.18 -18.26 -8.35
C SER A 51 9.66 -17.91 -8.61
N ARG A 52 10.03 -17.94 -9.89
CA ARG A 52 11.40 -17.57 -10.33
C ARG A 52 11.68 -16.13 -9.88
N ASP A 53 10.72 -15.26 -10.14
CA ASP A 53 10.83 -13.84 -9.76
C ASP A 53 11.04 -13.64 -8.27
N PHE A 54 10.26 -14.36 -7.47
CA PHE A 54 10.43 -14.33 -6.01
C PHE A 54 11.88 -14.70 -5.62
N ASN A 55 12.38 -15.78 -6.20
CA ASN A 55 13.69 -16.28 -5.86
C ASN A 55 14.79 -15.31 -6.30
N GLU A 56 14.52 -14.51 -7.35
CA GLU A 56 15.47 -13.45 -7.82
C GLU A 56 15.39 -12.14 -7.02
N GLU A 57 14.20 -11.82 -6.52
CA GLU A 57 13.97 -10.57 -5.82
C GLU A 57 14.40 -10.65 -4.37
N CYS A 58 14.14 -11.79 -3.72
CA CYS A 58 14.51 -11.97 -2.30
C CYS A 58 15.99 -11.69 -1.91
N PRO A 59 16.97 -12.19 -2.69
CA PRO A 59 18.39 -11.99 -2.28
C PRO A 59 18.77 -10.54 -2.03
N ARG A 60 18.10 -9.61 -2.72
CA ARG A 60 18.47 -8.19 -2.61
C ARG A 60 18.08 -7.62 -1.23
N LEU A 61 17.12 -8.30 -0.58
CA LEU A 61 16.61 -7.88 0.73
C LEU A 61 17.44 -8.38 1.90
N ARG A 62 18.43 -9.24 1.61
CA ARG A 62 19.27 -9.82 2.64
C ARG A 62 20.48 -8.91 2.91
N ILE A 63 20.21 -7.79 3.56
CA ILE A 63 21.18 -6.72 3.79
C ILE A 63 21.61 -6.73 5.25
N PHE A 64 22.86 -7.15 5.48
CA PHE A 64 23.38 -7.40 6.83
C PHE A 64 24.39 -6.35 7.24
N SER A 65 24.58 -5.35 6.38
CA SER A 65 25.67 -4.39 6.53
C SER A 65 25.33 -3.02 7.09
N HIS A 66 24.11 -2.80 7.58
CA HIS A 66 23.80 -1.50 8.18
C HIS A 66 22.88 -1.64 9.39
N PRO A 67 23.22 -0.98 10.51
CA PRO A 67 22.43 -1.19 11.74
C PRO A 67 20.99 -0.68 11.59
N ASN A 68 20.74 0.25 10.67
CA ASN A 68 19.37 0.79 10.49
C ASN A 68 18.62 0.14 9.32
N VAL A 69 19.10 -1.01 8.89
CA VAL A 69 18.39 -1.82 7.93
C VAL A 69 18.16 -3.22 8.53
N LEU A 70 16.91 -3.64 8.49
CA LEU A 70 16.54 -4.95 9.03
C LEU A 70 16.49 -5.95 7.86
N PRO A 71 17.48 -6.84 7.79
CA PRO A 71 17.47 -7.77 6.66
C PRO A 71 16.33 -8.81 6.73
N VAL A 72 15.87 -9.22 5.56
CA VAL A 72 15.24 -10.52 5.40
C VAL A 72 16.34 -11.57 5.66
N LEU A 73 16.11 -12.46 6.63
CA LEU A 73 17.07 -13.52 6.91
C LEU A 73 17.17 -14.53 5.77
N GLY A 74 16.04 -14.84 5.15
CA GLY A 74 16.01 -15.77 4.05
C GLY A 74 14.58 -16.02 3.64
N ALA A 75 14.42 -16.77 2.56
CA ALA A 75 13.08 -17.03 2.04
C ALA A 75 12.95 -18.52 1.73
N CYS A 76 11.72 -19.01 1.75
CA CYS A 76 11.42 -20.37 1.32
C CYS A 76 10.82 -20.33 -0.08
N GLN A 77 11.48 -21.02 -1.00
CA GLN A 77 11.06 -21.04 -2.39
C GLN A 77 9.81 -21.90 -2.49
N SER A 78 8.91 -21.52 -3.37
CA SER A 78 7.63 -22.25 -3.53
C SER A 78 7.37 -22.52 -5.02
N PRO A 79 7.51 -23.79 -5.45
CA PRO A 79 7.89 -25.00 -4.67
C PRO A 79 9.33 -24.96 -4.23
N PRO A 80 9.72 -25.80 -3.26
CA PRO A 80 8.87 -26.82 -2.63
C PRO A 80 7.95 -26.40 -1.46
N ALA A 81 8.06 -25.16 -0.97
CA ALA A 81 7.21 -24.70 0.14
C ALA A 81 5.75 -24.51 -0.30
N PRO A 82 4.81 -24.59 0.65
CA PRO A 82 3.40 -24.40 0.28
C PRO A 82 3.12 -23.05 -0.39
N HIS A 83 3.83 -22.01 0.08
CA HIS A 83 3.65 -20.63 -0.37
C HIS A 83 4.99 -19.92 -0.33
N PRO A 84 5.19 -18.93 -1.23
CA PRO A 84 6.39 -18.08 -1.10
C PRO A 84 6.39 -17.42 0.27
N THR A 85 7.46 -17.62 1.02
CA THR A 85 7.53 -17.24 2.40
C THR A 85 8.85 -16.57 2.67
N LEU A 86 8.82 -15.57 3.53
CA LEU A 86 10.06 -14.95 3.96
C LEU A 86 10.15 -14.76 5.46
N ILE A 87 11.36 -14.63 5.96
CA ILE A 87 11.55 -14.51 7.38
C ILE A 87 12.48 -13.36 7.75
N THR A 88 12.23 -12.77 8.92
CA THR A 88 13.00 -11.66 9.44
C THR A 88 12.99 -11.72 10.97
N HIS A 89 13.98 -11.06 11.58
CA HIS A 89 14.06 -11.05 13.05
C HIS A 89 12.80 -10.43 13.67
N TRP A 90 12.37 -11.00 14.80
CA TRP A 90 11.27 -10.44 15.54
C TRP A 90 11.74 -9.18 16.27
N MET A 91 11.01 -8.06 16.10
CA MET A 91 11.36 -6.77 16.71
C MET A 91 10.34 -6.50 17.80
N PRO A 92 10.82 -6.45 19.07
CA PRO A 92 9.87 -6.45 20.20
C PRO A 92 8.82 -5.33 20.19
N TYR A 93 9.20 -4.14 19.72
CA TYR A 93 8.27 -2.99 19.71
C TYR A 93 7.42 -2.93 18.43
N GLY A 94 7.72 -3.79 17.49
CA GLY A 94 6.91 -3.87 16.28
C GLY A 94 7.30 -2.70 15.40
N SER A 95 6.33 -2.13 14.67
CA SER A 95 6.61 -1.07 13.66
C SER A 95 6.68 0.29 14.33
N LEU A 96 7.31 1.23 13.65
CA LEU A 96 7.24 2.61 14.05
C LEU A 96 5.76 3.03 14.19
N TYR A 97 4.92 2.63 13.24
CA TYR A 97 3.49 2.94 13.31
C TYR A 97 2.90 2.47 14.67
N ASN A 98 3.17 1.22 15.06
CA ASN A 98 2.72 0.65 16.36
C ASN A 98 3.15 1.53 17.51
N VAL A 99 4.45 1.86 17.55
CA VAL A 99 5.06 2.59 18.67
C VAL A 99 4.41 4.01 18.78
N LEU A 100 4.20 4.67 17.65
CA LEU A 100 3.71 6.06 17.63
C LEU A 100 2.19 6.12 17.90
N HIS A 101 1.47 5.14 17.33
CA HIS A 101 0.00 5.24 17.22
C HIS A 101 -0.76 4.24 18.07
N GLU A 102 -0.07 3.19 18.50
CA GLU A 102 -0.73 2.08 19.20
C GLU A 102 0.09 1.69 20.44
N GLY A 103 0.69 2.70 21.09
CA GLY A 103 1.59 2.46 22.22
C GLY A 103 0.90 2.62 23.56
N THR A 104 0.12 1.61 23.96
CA THR A 104 -0.68 1.70 25.20
C THR A 104 0.15 1.77 26.50
N ASN A 105 1.42 1.41 26.43
CA ASN A 105 2.29 1.34 27.61
C ASN A 105 2.99 2.65 27.95
N PHE A 106 3.50 3.34 26.92
CA PHE A 106 4.34 4.54 27.09
C PHE A 106 4.26 5.36 25.83
N VAL A 107 4.66 6.63 25.93
CA VAL A 107 4.68 7.50 24.77
C VAL A 107 6.13 7.88 24.55
N VAL A 108 6.66 7.68 23.34
CA VAL A 108 8.07 8.00 23.16
C VAL A 108 8.27 9.52 23.17
N ASP A 109 9.39 9.98 23.75
CA ASP A 109 9.57 11.42 23.91
C ASP A 109 10.17 12.01 22.64
N GLN A 110 10.40 13.30 22.61
CA GLN A 110 10.78 13.92 21.34
C GLN A 110 12.23 13.65 21.01
N SER A 111 13.03 13.46 22.04
CA SER A 111 14.40 13.06 21.86
C SER A 111 14.49 11.67 21.19
N GLN A 112 13.67 10.72 21.66
CA GLN A 112 13.58 9.45 21.00
C GLN A 112 13.05 9.63 19.55
N ALA A 113 12.08 10.54 19.35
CA ALA A 113 11.52 10.80 18.01
C ALA A 113 12.63 11.30 17.06
N VAL A 114 13.46 12.22 17.55
CA VAL A 114 14.61 12.73 16.77
C VAL A 114 15.59 11.60 16.42
N LYS A 115 15.85 10.70 17.38
CA LYS A 115 16.72 9.54 17.13
C LYS A 115 16.12 8.60 16.09
N PHE A 116 14.81 8.35 16.18
CA PHE A 116 14.12 7.57 15.13
C PHE A 116 14.35 8.21 13.74
N ALA A 117 14.19 9.54 13.65
CA ALA A 117 14.33 10.24 12.38
C ALA A 117 15.77 10.05 11.85
N LEU A 118 16.74 10.22 12.74
CA LEU A 118 18.17 10.00 12.39
C LEU A 118 18.46 8.57 11.94
N ASP A 119 17.98 7.57 12.70
CA ASP A 119 18.11 6.14 12.36
C ASP A 119 17.56 5.91 10.94
N MET A 120 16.34 6.41 10.65
CA MET A 120 15.69 6.15 9.37
C MET A 120 16.45 6.82 8.24
N ALA A 121 16.93 8.04 8.51
CA ALA A 121 17.69 8.80 7.50
C ALA A 121 18.99 8.05 7.13
N ARG A 122 19.70 7.56 8.15
CA ARG A 122 20.94 6.80 7.96
C ARG A 122 20.65 5.54 7.13
N GLY A 123 19.60 4.80 7.53
CA GLY A 123 19.21 3.58 6.83
C GLY A 123 18.88 3.86 5.36
N MET A 124 18.14 4.95 5.11
CA MET A 124 17.70 5.26 3.75
C MET A 124 18.92 5.72 2.92
N ALA A 125 19.81 6.51 3.54
CA ALA A 125 21.04 6.95 2.83
C ALA A 125 21.81 5.70 2.34
N PHE A 126 21.93 4.71 3.21
CA PHE A 126 22.59 3.46 2.85
C PHE A 126 21.87 2.78 1.66
N LEU A 127 20.55 2.60 1.81
CA LEU A 127 19.80 1.92 0.75
C LEU A 127 19.89 2.66 -0.57
N HIS A 128 20.05 3.98 -0.47
CA HIS A 128 20.14 4.82 -1.67
C HIS A 128 21.49 4.67 -2.39
N THR A 129 22.44 4.04 -1.72
CA THR A 129 23.77 3.76 -2.36
C THR A 129 23.70 2.53 -3.25
N LEU A 130 22.62 1.77 -3.15
CA LEU A 130 22.52 0.50 -3.88
C LEU A 130 22.24 0.75 -5.37
N GLU A 131 22.85 -0.10 -6.20
CA GLU A 131 22.71 0.04 -7.65
C GLU A 131 22.34 -1.32 -8.27
N PRO A 132 21.13 -1.41 -8.88
CA PRO A 132 20.17 -0.31 -8.81
C PRO A 132 19.48 -0.28 -7.43
N LEU A 133 18.57 0.67 -7.25
CA LEU A 133 17.81 0.73 -6.00
C LEU A 133 16.99 -0.54 -5.89
N ILE A 134 16.65 -0.90 -4.67
CA ILE A 134 15.71 -2.01 -4.46
C ILE A 134 14.34 -1.58 -5.00
N PRO A 135 13.77 -2.36 -5.94
CA PRO A 135 12.51 -1.92 -6.52
C PRO A 135 11.36 -2.11 -5.50
N ARG A 136 10.35 -1.24 -5.62
CA ARG A 136 9.09 -1.31 -4.87
C ARG A 136 9.32 -1.15 -3.36
N HIS A 137 10.43 -0.52 -2.99
CA HIS A 137 10.66 -0.18 -1.58
C HIS A 137 10.00 1.19 -1.28
N ALA A 138 8.93 1.18 -0.47
CA ALA A 138 8.26 2.39 -0.03
C ALA A 138 8.53 2.60 1.45
N LEU A 139 8.91 3.84 1.79
CA LEU A 139 9.19 4.21 3.19
C LEU A 139 7.89 4.74 3.83
N ASN A 140 7.51 4.16 4.98
CA ASN A 140 6.37 4.65 5.73
C ASN A 140 6.47 4.09 7.13
N SER A 141 5.60 4.53 8.04
CA SER A 141 5.84 4.14 9.44
C SER A 141 5.53 2.65 9.70
N ARG A 142 4.78 2.03 8.77
CA ARG A 142 4.51 0.63 8.85
C ARG A 142 5.68 -0.20 8.34
N SER A 143 6.57 0.43 7.59
CA SER A 143 7.66 -0.32 6.98
C SER A 143 9.04 0.02 7.63
N VAL A 144 8.97 0.39 8.89
CA VAL A 144 10.16 0.62 9.74
C VAL A 144 9.84 -0.11 11.04
N MET A 145 10.79 -0.88 11.53
CA MET A 145 10.60 -1.60 12.82
C MET A 145 11.44 -0.99 13.94
N ILE A 146 11.01 -1.20 15.18
CA ILE A 146 11.74 -0.69 16.35
C ILE A 146 12.30 -1.89 17.18
N ASP A 147 13.64 -1.95 17.29
CA ASP A 147 14.35 -3.08 17.91
C ASP A 147 14.31 -2.95 19.46
N GLU A 148 14.88 -3.96 20.14
CA GLU A 148 14.96 -3.98 21.62
C GLU A 148 15.51 -2.70 22.30
N ASP A 149 16.46 -2.03 21.65
CA ASP A 149 17.09 -0.84 22.20
C ASP A 149 16.57 0.49 21.61
N MET A 150 15.37 0.42 21.02
CA MET A 150 14.68 1.55 20.42
C MET A 150 15.30 2.03 19.09
N THR A 151 16.26 1.28 18.54
CA THR A 151 16.83 1.54 17.19
C THR A 151 15.76 1.34 16.13
N ALA A 152 15.58 2.32 15.25
CA ALA A 152 14.66 2.18 14.14
C ALA A 152 15.41 1.55 12.98
N ARG A 153 14.75 0.63 12.30
CA ARG A 153 15.40 -0.16 11.26
C ARG A 153 14.44 -0.28 10.07
N ILE A 154 14.92 0.03 8.86
CA ILE A 154 14.09 -0.08 7.65
C ILE A 154 13.75 -1.57 7.42
N SER A 155 12.45 -1.89 7.29
CA SER A 155 11.98 -3.28 7.16
C SER A 155 12.09 -3.83 5.73
N MET A 156 13.13 -4.65 5.47
CA MET A 156 13.30 -5.15 4.09
C MET A 156 12.16 -6.16 3.77
N ALA A 157 11.61 -6.78 4.82
CA ALA A 157 10.46 -7.69 4.66
C ALA A 157 9.13 -6.96 4.26
N ASP A 158 9.17 -5.63 4.22
CA ASP A 158 8.06 -4.83 3.74
C ASP A 158 8.18 -4.35 2.28
N VAL A 159 9.29 -4.71 1.64
CA VAL A 159 9.44 -4.45 0.21
C VAL A 159 8.47 -5.33 -0.61
N LYS A 160 7.67 -4.70 -1.47
CA LYS A 160 6.64 -5.43 -2.20
C LYS A 160 7.30 -6.21 -3.36
N PHE A 161 6.94 -7.47 -3.51
CA PHE A 161 7.40 -8.26 -4.68
C PHE A 161 6.66 -7.86 -5.93
N SER A 162 7.27 -8.10 -7.09
CA SER A 162 6.68 -7.77 -8.39
C SER A 162 5.22 -8.29 -8.56
N PHE A 163 4.92 -9.45 -7.98
CA PHE A 163 3.57 -10.07 -8.06
C PHE A 163 2.67 -9.78 -6.85
N GLN A 164 3.15 -8.97 -5.92
CA GLN A 164 2.48 -8.77 -4.60
C GLN A 164 1.65 -7.50 -4.65
N SER A 165 0.32 -7.66 -4.68
CA SER A 165 -0.65 -6.54 -4.87
C SER A 165 -0.25 -5.42 -5.87
N PRO A 166 0.14 -5.81 -7.10
CA PRO A 166 0.54 -4.73 -8.04
C PRO A 166 -0.66 -3.85 -8.34
N GLY A 167 -0.47 -2.55 -8.51
CA GLY A 167 -1.58 -1.64 -8.79
C GLY A 167 -2.55 -1.34 -7.66
N ARG A 168 -2.15 -1.66 -6.43
CA ARG A 168 -2.89 -1.30 -5.20
C ARG A 168 -1.88 -0.70 -4.19
N MET A 169 -2.17 0.48 -3.65
CA MET A 169 -1.33 1.13 -2.62
C MET A 169 -2.16 1.20 -1.35
N TYR A 170 -1.63 0.62 -0.27
CA TYR A 170 -2.31 0.67 1.01
C TYR A 170 -1.78 1.76 1.97
N ALA A 171 -0.73 2.45 1.58
CA ALA A 171 -0.24 3.55 2.39
C ALA A 171 0.10 4.75 1.52
N PRO A 172 -0.92 5.27 0.75
CA PRO A 172 -0.64 6.42 -0.10
C PRO A 172 -0.26 7.71 0.64
N ALA A 173 -0.64 7.85 1.90
CA ALA A 173 -0.40 9.09 2.65
C ALA A 173 1.09 9.46 2.71
N TRP A 174 1.98 8.48 2.63
CA TRP A 174 3.43 8.71 2.68
C TRP A 174 4.07 8.87 1.29
N VAL A 175 3.27 8.67 0.23
CA VAL A 175 3.81 8.67 -1.13
C VAL A 175 3.89 10.06 -1.78
N ALA A 176 5.00 10.37 -2.45
CA ALA A 176 5.13 11.65 -3.15
C ALA A 176 4.01 11.79 -4.24
N PRO A 177 3.56 13.03 -4.48
CA PRO A 177 2.46 13.27 -5.44
C PRO A 177 2.79 12.71 -6.83
N GLU A 178 4.03 12.88 -7.25
CA GLU A 178 4.47 12.34 -8.57
C GLU A 178 4.41 10.81 -8.58
N ALA A 179 4.76 10.20 -7.45
CA ALA A 179 4.79 8.77 -7.34
C ALA A 179 3.39 8.13 -7.22
N LEU A 180 2.37 8.95 -6.98
CA LEU A 180 1.00 8.47 -6.99
C LEU A 180 0.50 8.32 -8.45
N GLN A 181 1.18 8.98 -9.36
CA GLN A 181 0.69 9.11 -10.74
C GLN A 181 1.58 8.60 -11.83
N LYS A 182 2.89 8.61 -11.60
CA LYS A 182 3.84 8.21 -12.63
C LYS A 182 4.48 6.86 -12.34
N LYS A 183 4.80 6.12 -13.41
CA LYS A 183 5.54 4.87 -13.25
C LYS A 183 6.89 5.17 -12.58
N PRO A 184 7.37 4.25 -11.71
CA PRO A 184 8.65 4.42 -11.02
C PRO A 184 9.81 4.85 -11.94
N GLU A 185 9.86 4.26 -13.14
CA GLU A 185 10.88 4.52 -14.15
C GLU A 185 10.85 5.97 -14.61
N ASP A 186 9.70 6.62 -14.41
CA ASP A 186 9.53 8.01 -14.81
C ASP A 186 9.62 9.00 -13.65
N THR A 187 10.13 8.53 -12.52
CA THR A 187 10.36 9.42 -11.37
C THR A 187 11.78 9.30 -10.86
N ASN A 188 12.27 10.36 -10.23
CA ASN A 188 13.48 10.26 -9.43
C ASN A 188 13.04 9.55 -8.14
N ARG A 189 13.35 8.28 -8.02
CA ARG A 189 12.91 7.49 -6.84
C ARG A 189 13.52 8.03 -5.52
N ARG A 190 14.76 8.47 -5.57
CA ARG A 190 15.39 8.97 -4.31
C ARG A 190 14.65 10.21 -3.79
N SER A 191 14.23 11.11 -4.67
CA SER A 191 13.47 12.30 -4.26
C SER A 191 12.10 11.91 -3.74
N ALA A 192 11.44 10.97 -4.42
CA ALA A 192 10.16 10.43 -3.95
C ALA A 192 10.29 9.90 -2.50
N ASP A 193 11.38 9.16 -2.22
CA ASP A 193 11.61 8.65 -0.85
C ASP A 193 11.76 9.78 0.20
N MET A 194 12.38 10.89 -0.19
CA MET A 194 12.53 12.06 0.73
C MET A 194 11.18 12.68 1.11
N TRP A 195 10.24 12.75 0.14
CA TRP A 195 8.86 13.12 0.47
C TRP A 195 8.31 12.22 1.61
N SER A 196 8.50 10.90 1.47
CA SER A 196 8.01 9.93 2.47
C SER A 196 8.62 10.25 3.84
N PHE A 197 9.91 10.57 3.85
CA PHE A 197 10.58 10.96 5.09
C PHE A 197 9.95 12.25 5.66
N ALA A 198 9.65 13.21 4.80
CA ALA A 198 9.00 14.45 5.25
C ALA A 198 7.66 14.18 5.98
N VAL A 199 6.88 13.23 5.46
CA VAL A 199 5.62 12.82 6.07
C VAL A 199 5.89 12.14 7.42
N LEU A 200 6.93 11.32 7.46
CA LEU A 200 7.39 10.73 8.74
C LEU A 200 7.74 11.80 9.76
N LEU A 201 8.48 12.83 9.32
CA LEU A 201 8.72 14.01 10.22
C LEU A 201 7.42 14.61 10.75
N TRP A 202 6.44 14.81 9.88
CA TRP A 202 5.13 15.36 10.25
C TRP A 202 4.48 14.43 11.27
N GLU A 203 4.57 13.12 11.03
CA GLU A 203 3.99 12.11 11.89
C GLU A 203 4.67 12.08 13.29
N LEU A 204 5.98 12.24 13.32
CA LEU A 204 6.76 12.32 14.56
C LEU A 204 6.43 13.60 15.36
N VAL A 205 6.18 14.69 14.64
CA VAL A 205 5.82 15.95 15.27
C VAL A 205 4.36 15.91 15.81
N THR A 206 3.41 15.39 15.02
CA THR A 206 2.01 15.43 15.45
C THR A 206 1.56 14.28 16.31
N ARG A 207 2.23 13.14 16.14
CA ARG A 207 1.78 11.89 16.73
C ARG A 207 0.34 11.58 16.30
N GLU A 208 0.11 11.79 15.01
CA GLU A 208 -1.19 11.56 14.36
C GLU A 208 -0.86 10.82 13.08
N VAL A 209 -1.81 9.99 12.66
CA VAL A 209 -1.73 9.32 11.34
C VAL A 209 -2.05 10.33 10.27
N PRO A 210 -1.18 10.48 9.27
CA PRO A 210 -1.48 11.47 8.22
C PRO A 210 -2.76 11.09 7.48
N PHE A 211 -3.66 12.09 7.39
CA PHE A 211 -4.97 11.96 6.73
C PHE A 211 -5.81 10.83 7.28
N ALA A 212 -5.81 10.70 8.61
CA ALA A 212 -6.44 9.57 9.25
C ALA A 212 -7.97 9.55 8.99
N ASP A 213 -8.53 10.71 8.70
CA ASP A 213 -9.99 10.83 8.53
C ASP A 213 -10.39 10.48 7.08
N LEU A 214 -9.40 10.13 6.24
CA LEU A 214 -9.65 9.78 4.81
C LEU A 214 -9.30 8.35 4.46
N SER A 215 -10.09 7.75 3.56
CA SER A 215 -9.78 6.41 3.06
C SER A 215 -8.52 6.50 2.17
N ASN A 216 -7.84 5.38 1.99
CA ASN A 216 -6.65 5.35 1.08
C ASN A 216 -6.95 5.86 -0.34
N MET A 217 -8.09 5.44 -0.90
CA MET A 217 -8.49 5.94 -2.23
C MET A 217 -8.69 7.47 -2.22
N GLU A 218 -9.37 8.02 -1.24
CA GLU A 218 -9.48 9.48 -1.10
C GLU A 218 -8.15 10.17 -1.02
N ILE A 219 -7.26 9.63 -0.19
CA ILE A 219 -5.92 10.22 -0.05
C ILE A 219 -5.17 10.30 -1.37
N GLY A 220 -5.04 9.17 -2.05
CA GLY A 220 -4.23 9.14 -3.26
C GLY A 220 -4.84 10.05 -4.33
N MET A 221 -6.15 9.99 -4.49
CA MET A 221 -6.85 10.81 -5.50
C MET A 221 -6.69 12.33 -5.19
N LYS A 222 -6.86 12.72 -3.93
CA LYS A 222 -6.74 14.15 -3.56
C LYS A 222 -5.33 14.72 -3.57
N VAL A 223 -4.34 13.93 -3.10
CA VAL A 223 -2.98 14.40 -3.17
C VAL A 223 -2.52 14.51 -4.62
N ALA A 224 -2.87 13.50 -5.43
CA ALA A 224 -2.39 13.47 -6.81
C ALA A 224 -3.01 14.56 -7.69
N LEU A 225 -4.30 14.82 -7.48
CA LEU A 225 -5.11 15.60 -8.44
C LEU A 225 -5.75 16.84 -7.86
N GLU A 226 -5.82 16.92 -6.54
CA GLU A 226 -6.41 18.10 -5.90
C GLU A 226 -5.47 18.94 -5.05
N GLY A 227 -4.18 18.59 -5.01
CA GLY A 227 -3.20 19.33 -4.19
C GLY A 227 -3.34 19.19 -2.67
N LEU A 228 -3.92 18.08 -2.20
CA LEU A 228 -4.02 17.80 -0.77
C LEU A 228 -2.64 17.59 -0.17
N ARG A 229 -2.35 18.35 0.89
CA ARG A 229 -1.07 18.27 1.60
C ARG A 229 -1.26 18.20 3.14
N PRO A 230 -0.27 17.62 3.86
CA PRO A 230 -0.29 17.83 5.31
C PRO A 230 -0.12 19.31 5.65
N THR A 231 -0.85 19.77 6.66
CA THR A 231 -0.64 21.14 7.13
C THR A 231 0.56 21.11 8.05
N ILE A 232 1.49 22.03 7.83
CA ILE A 232 2.67 22.14 8.69
C ILE A 232 2.20 22.51 10.10
N PRO A 233 2.60 21.69 11.12
CA PRO A 233 2.14 21.89 12.49
C PRO A 233 2.59 23.23 13.07
N PRO A 234 1.72 23.85 13.88
CA PRO A 234 2.02 25.13 14.51
C PRO A 234 2.82 24.91 15.79
N GLY A 235 3.52 25.94 16.23
CA GLY A 235 4.29 25.84 17.47
C GLY A 235 5.41 24.83 17.41
N ILE A 236 6.17 24.87 16.32
CA ILE A 236 7.36 24.05 16.25
C ILE A 236 8.52 24.97 15.90
N SER A 237 9.73 24.57 16.27
CA SER A 237 10.89 25.41 16.00
C SER A 237 10.98 25.77 14.51
N PRO A 238 11.45 27.00 14.20
CA PRO A 238 11.69 27.35 12.80
C PRO A 238 12.61 26.33 12.08
N HIS A 239 13.48 25.67 12.84
CA HIS A 239 14.41 24.68 12.31
C HIS A 239 13.71 23.38 11.89
N VAL A 240 12.81 22.88 12.72
CA VAL A 240 12.07 21.64 12.39
C VAL A 240 11.14 21.99 11.21
N SER A 241 10.52 23.17 11.31
CA SER A 241 9.65 23.69 10.25
C SER A 241 10.37 23.76 8.89
N LYS A 242 11.55 24.37 8.89
CA LYS A 242 12.37 24.48 7.68
C LYS A 242 12.78 23.10 7.13
N LEU A 243 13.15 22.18 8.01
CA LEU A 243 13.53 20.81 7.58
C LEU A 243 12.34 20.10 6.91
N MET A 244 11.19 20.12 7.57
CA MET A 244 10.00 19.45 7.04
C MET A 244 9.62 20.01 5.67
N LYS A 245 9.70 21.34 5.54
CA LYS A 245 9.32 22.05 4.32
C LYS A 245 10.16 21.69 3.12
N ILE A 246 11.47 21.69 3.30
CA ILE A 246 12.38 21.39 2.22
C ILE A 246 12.29 19.92 1.85
N CYS A 247 12.10 19.03 2.83
CA CYS A 247 11.99 17.60 2.49
C CYS A 247 10.71 17.32 1.70
N MET A 248 9.67 18.13 1.92
CA MET A 248 8.35 17.98 1.25
C MET A 248 8.17 19.05 0.15
N ASN A 249 9.28 19.46 -0.46
CA ASN A 249 9.26 20.46 -1.55
C ASN A 249 8.36 19.92 -2.67
N GLU A 250 7.49 20.76 -3.23
CA GLU A 250 6.64 20.32 -4.36
C GLU A 250 7.50 19.89 -5.55
N ASP A 251 8.67 20.51 -5.68
CA ASP A 251 9.69 20.19 -6.70
C ASP A 251 10.63 19.07 -6.22
N PRO A 252 10.47 17.86 -6.81
CA PRO A 252 11.32 16.71 -6.45
C PRO A 252 12.81 17.03 -6.52
N ALA A 253 13.21 17.82 -7.52
CA ALA A 253 14.62 18.18 -7.70
C ALA A 253 15.18 19.03 -6.55
N LYS A 254 14.32 19.70 -5.79
CA LYS A 254 14.78 20.58 -4.71
C LYS A 254 14.88 19.90 -3.31
N ARG A 255 14.30 18.71 -3.21
CA ARG A 255 14.38 17.93 -1.97
C ARG A 255 15.80 17.43 -1.71
N PRO A 256 16.25 17.47 -0.44
CA PRO A 256 17.60 17.02 -0.18
C PRO A 256 17.76 15.51 -0.33
N LYS A 257 19.00 15.07 -0.45
CA LYS A 257 19.31 13.66 -0.28
C LYS A 257 19.33 13.27 1.20
N PHE A 258 19.09 12.00 1.47
CA PHE A 258 19.24 11.49 2.86
C PHE A 258 20.62 11.79 3.48
N ASP A 259 21.69 11.60 2.72
CA ASP A 259 23.04 11.83 3.26
C ASP A 259 23.29 13.31 3.65
N MET A 260 22.50 14.21 3.09
CA MET A 260 22.56 15.63 3.41
C MET A 260 21.81 15.92 4.72
N ILE A 261 20.68 15.25 4.94
CA ILE A 261 19.93 15.54 6.17
C ILE A 261 20.46 14.82 7.41
N VAL A 262 21.24 13.75 7.18
CA VAL A 262 21.87 13.03 8.31
C VAL A 262 22.62 13.97 9.29
N PRO A 263 23.60 14.77 8.80
CA PRO A 263 24.30 15.72 9.70
C PRO A 263 23.36 16.73 10.40
N ILE A 264 22.30 17.17 9.71
CA ILE A 264 21.31 18.07 10.30
C ILE A 264 20.62 17.38 11.50
N LEU A 265 20.22 16.15 11.27
CA LEU A 265 19.59 15.34 12.32
C LEU A 265 20.53 15.04 13.48
N GLU A 266 21.78 14.73 13.17
CA GLU A 266 22.81 14.47 14.18
C GLU A 266 22.92 15.66 15.14
N LYS A 267 22.89 16.87 14.59
CA LYS A 267 23.03 18.06 15.42
C LYS A 267 21.79 18.30 16.28
N MET A 268 20.63 17.80 15.82
CA MET A 268 19.40 17.92 16.58
C MET A 268 19.29 17.01 17.82
N GLN A 269 20.14 16.00 17.93
CA GLN A 269 20.12 15.10 19.09
C GLN A 269 20.77 15.86 20.25
N ASP A 270 21.78 16.62 19.87
CA ASP A 270 22.81 17.23 20.72
C ASP A 270 23.73 17.92 19.70
N LYS A 271 23.64 19.24 19.64
CA LYS A 271 24.30 20.02 18.58
C LYS A 271 25.79 19.70 18.50
N ALA B 6 -31.80 -16.68 -11.64
CA ALA B 6 -31.65 -16.27 -10.21
C ALA B 6 -31.70 -14.74 -10.11
N PHE B 7 -30.57 -14.10 -10.40
CA PHE B 7 -30.53 -12.67 -10.66
C PHE B 7 -31.24 -12.36 -12.00
N ASP B 8 -31.16 -13.31 -12.93
CA ASP B 8 -31.85 -13.20 -14.23
C ASP B 8 -33.36 -13.19 -14.04
N THR B 9 -33.85 -14.16 -13.25
CA THR B 9 -35.25 -14.23 -12.84
C THR B 9 -35.70 -12.91 -12.22
N LEU B 10 -34.80 -12.31 -11.45
CA LEU B 10 -35.03 -11.02 -10.82
C LEU B 10 -35.03 -9.91 -11.88
N PHE B 11 -34.09 -9.96 -12.81
CA PHE B 11 -34.01 -8.95 -13.86
C PHE B 11 -35.18 -9.05 -14.83
N ASP B 12 -35.51 -10.27 -15.24
CA ASP B 12 -36.50 -10.49 -16.30
C ASP B 12 -37.95 -10.54 -15.82
N HIS B 13 -38.17 -11.00 -14.58
CA HIS B 13 -39.53 -11.31 -14.11
C HIS B 13 -40.01 -10.62 -12.81
N ALA B 14 -39.25 -9.63 -12.35
CA ALA B 14 -39.57 -8.89 -11.12
C ALA B 14 -39.28 -7.39 -11.23
N PRO B 15 -39.98 -6.66 -12.13
CA PRO B 15 -39.69 -5.24 -12.40
C PRO B 15 -39.84 -4.34 -11.16
N ASP B 16 -40.83 -4.66 -10.33
CA ASP B 16 -41.06 -3.95 -9.07
C ASP B 16 -39.86 -4.08 -8.15
N LYS B 17 -39.39 -5.31 -7.96
CA LYS B 17 -38.19 -5.59 -7.17
C LYS B 17 -37.00 -4.91 -7.83
N LEU B 18 -36.88 -5.07 -9.14
CA LEU B 18 -35.75 -4.57 -9.93
C LEU B 18 -35.46 -3.10 -9.63
N ASN B 19 -36.51 -2.29 -9.53
CA ASN B 19 -36.33 -0.87 -9.26
C ASN B 19 -35.93 -0.61 -7.81
N VAL B 20 -36.51 -1.36 -6.87
CA VAL B 20 -36.07 -1.34 -5.47
C VAL B 20 -34.57 -1.68 -5.40
N VAL B 21 -34.17 -2.71 -6.14
CA VAL B 21 -32.77 -3.13 -6.26
C VAL B 21 -31.89 -2.06 -6.91
N LYS B 22 -32.30 -1.56 -8.08
CA LYS B 22 -31.62 -0.43 -8.73
C LYS B 22 -31.49 0.76 -7.77
N LYS B 23 -32.53 0.99 -6.97
CA LYS B 23 -32.49 2.03 -5.96
C LYS B 23 -31.40 1.72 -4.92
N THR B 24 -31.42 0.49 -4.39
CA THR B 24 -30.40 0.01 -3.48
C THR B 24 -28.97 0.31 -4.03
N LEU B 25 -28.77 0.06 -5.31
CA LEU B 25 -27.46 0.19 -5.97
C LEU B 25 -26.97 1.61 -6.17
N ILE B 26 -27.88 2.53 -6.49
CA ILE B 26 -27.51 3.93 -6.66
C ILE B 26 -27.00 4.52 -5.34
N THR B 27 -27.76 4.27 -4.27
CA THR B 27 -27.31 4.62 -2.93
C THR B 27 -25.97 3.93 -2.57
N PHE B 28 -25.88 2.61 -2.83
CA PHE B 28 -24.66 1.83 -2.57
C PHE B 28 -23.40 2.36 -3.26
N VAL B 29 -23.52 2.86 -4.49
CA VAL B 29 -22.34 3.34 -5.23
C VAL B 29 -22.02 4.81 -4.97
N ASN B 30 -23.05 5.59 -4.64
CA ASN B 30 -22.83 6.99 -4.32
C ASN B 30 -22.31 7.17 -2.90
N LYS B 31 -22.59 6.19 -2.05
CA LYS B 31 -22.06 6.11 -0.67
C LYS B 31 -20.53 6.31 -0.73
N HIS B 32 -19.94 5.96 -1.87
CA HIS B 32 -18.48 5.86 -2.05
C HIS B 32 -17.90 6.85 -3.04
N LEU B 33 -18.41 6.89 -4.27
CA LEU B 33 -17.88 7.81 -5.29
C LEU B 33 -18.01 9.32 -5.01
N ASN B 34 -19.03 9.71 -4.23
CA ASN B 34 -19.20 11.13 -3.82
C ASN B 34 -17.98 11.64 -3.04
N LYS B 35 -17.35 10.73 -2.30
CA LYS B 35 -16.10 11.03 -1.55
C LYS B 35 -15.02 11.53 -2.47
N LEU B 36 -15.12 11.18 -3.74
CA LEU B 36 -14.22 11.71 -4.76
C LEU B 36 -14.81 12.89 -5.54
N ASN B 37 -15.94 13.44 -5.06
CA ASN B 37 -16.69 14.48 -5.78
C ASN B 37 -17.18 13.95 -7.14
N LEU B 38 -17.66 12.70 -7.14
CA LEU B 38 -18.16 12.05 -8.36
C LEU B 38 -19.53 11.48 -8.08
N GLU B 39 -20.49 11.72 -8.99
CA GLU B 39 -21.86 11.25 -8.75
C GLU B 39 -22.35 10.25 -9.81
N VAL B 40 -23.10 9.25 -9.36
CA VAL B 40 -23.77 8.30 -10.26
C VAL B 40 -25.30 8.49 -10.29
N THR B 41 -25.78 8.92 -11.44
CA THR B 41 -27.21 9.07 -11.67
C THR B 41 -27.80 7.97 -12.58
N GLU B 42 -26.96 7.37 -13.43
CA GLU B 42 -27.40 6.39 -14.44
C GLU B 42 -26.61 5.10 -14.45
N LEU B 43 -27.20 4.06 -13.87
CA LEU B 43 -26.56 2.75 -13.79
C LEU B 43 -26.25 2.15 -15.16
N GLU B 44 -27.05 2.53 -16.15
CA GLU B 44 -26.99 1.92 -17.50
C GLU B 44 -25.69 2.15 -18.25
N THR B 45 -25.02 3.29 -18.01
CA THR B 45 -23.82 3.67 -18.79
C THR B 45 -22.57 4.08 -17.98
N GLN B 46 -22.76 4.60 -16.76
CA GLN B 46 -21.68 5.29 -16.02
C GLN B 46 -20.54 4.37 -15.55
N PHE B 47 -20.75 3.06 -15.68
CA PHE B 47 -19.73 2.08 -15.33
C PHE B 47 -19.13 1.41 -16.54
N ALA B 48 -19.62 1.80 -17.74
CA ALA B 48 -19.18 1.18 -19.00
C ALA B 48 -17.70 1.32 -19.28
N ASP B 49 -17.10 2.48 -18.96
CA ASP B 49 -15.68 2.67 -19.30
C ASP B 49 -14.64 2.07 -18.31
N GLY B 50 -15.11 1.40 -17.26
CA GLY B 50 -14.21 0.79 -16.27
C GLY B 50 -13.64 1.67 -15.16
N VAL B 51 -13.64 3.01 -15.34
CA VAL B 51 -13.00 3.96 -14.35
C VAL B 51 -13.64 3.88 -12.95
N TYR B 52 -14.95 4.16 -12.88
CA TYR B 52 -15.67 4.05 -11.63
C TYR B 52 -15.61 2.69 -10.96
N LEU B 53 -15.55 1.62 -11.76
CA LEU B 53 -15.42 0.29 -11.20
C LEU B 53 -14.05 0.16 -10.49
N VAL B 54 -13.01 0.68 -11.15
CA VAL B 54 -11.64 0.71 -10.56
C VAL B 54 -11.64 1.55 -9.27
N LEU B 55 -12.15 2.77 -9.36
CA LEU B 55 -12.23 3.66 -8.18
C LEU B 55 -13.10 3.08 -7.08
N LEU B 56 -14.22 2.47 -7.45
CA LEU B 56 -15.09 1.81 -6.48
C LEU B 56 -14.42 0.68 -5.70
N MET B 57 -13.74 -0.23 -6.42
CA MET B 57 -12.99 -1.32 -5.82
C MET B 57 -11.98 -0.82 -4.78
N GLY B 58 -11.28 0.26 -5.10
CA GLY B 58 -10.34 0.87 -4.13
C GLY B 58 -11.06 1.50 -2.94
N LEU B 59 -12.13 2.26 -3.22
CA LEU B 59 -12.98 2.78 -2.13
C LEU B 59 -13.56 1.68 -1.26
N LEU B 60 -13.89 0.52 -1.85
CA LEU B 60 -14.52 -0.60 -1.15
C LEU B 60 -13.56 -1.54 -0.42
N GLU B 61 -12.35 -1.72 -0.97
CA GLU B 61 -11.38 -2.67 -0.44
C GLU B 61 -10.15 -1.99 0.22
N GLY B 62 -10.22 -0.68 0.38
CA GLY B 62 -9.26 0.11 1.23
C GLY B 62 -7.87 0.39 0.64
N TYR B 63 -7.81 0.64 -0.66
CA TYR B 63 -6.54 1.02 -1.30
C TYR B 63 -6.74 2.08 -2.36
N PHE B 64 -5.67 2.82 -2.63
CA PHE B 64 -5.53 3.67 -3.80
C PHE B 64 -4.96 2.88 -4.98
N VAL B 65 -5.45 3.20 -6.18
CA VAL B 65 -4.90 2.64 -7.43
C VAL B 65 -4.08 3.71 -8.13
N PRO B 66 -2.75 3.49 -8.19
CA PRO B 66 -1.88 4.45 -8.84
C PRO B 66 -2.41 4.73 -10.25
N LEU B 67 -2.39 5.99 -10.65
CA LEU B 67 -3.05 6.38 -11.89
C LEU B 67 -2.37 5.77 -13.12
N HIS B 68 -1.08 5.43 -12.98
CA HIS B 68 -0.36 4.71 -14.04
C HIS B 68 -0.76 3.24 -14.16
N SER B 69 -1.57 2.73 -13.26
CA SER B 69 -1.97 1.33 -13.34
C SER B 69 -3.23 1.08 -14.18
N PHE B 70 -3.94 2.16 -14.53
CA PHE B 70 -5.14 2.02 -15.37
C PHE B 70 -5.33 3.27 -16.23
N PHE B 71 -6.41 3.32 -17.03
CA PHE B 71 -6.64 4.46 -17.88
C PHE B 71 -7.70 5.34 -17.25
N LEU B 72 -7.26 6.38 -16.55
CA LEU B 72 -8.20 7.25 -15.86
C LEU B 72 -9.16 7.97 -16.83
N THR B 73 -8.66 8.30 -18.02
CA THR B 73 -9.49 8.87 -19.11
C THR B 73 -9.32 8.01 -20.40
N PRO B 74 -9.98 6.84 -20.46
CA PRO B 74 -9.76 5.89 -21.58
C PRO B 74 -10.10 6.52 -22.95
N ASP B 75 -9.27 6.24 -23.95
CA ASP B 75 -9.28 6.90 -25.27
C ASP B 75 -9.73 5.93 -26.37
N SER B 76 -10.16 4.72 -25.98
CA SER B 76 -10.54 3.66 -26.91
C SER B 76 -11.38 2.57 -26.27
N PHE B 77 -12.05 1.79 -27.12
CA PHE B 77 -12.86 0.64 -26.68
C PHE B 77 -11.92 -0.29 -25.90
N GLU B 78 -10.72 -0.44 -26.44
CA GLU B 78 -9.70 -1.34 -25.91
C GLU B 78 -9.29 -0.97 -24.47
N GLN B 79 -9.08 0.32 -24.24
CA GLN B 79 -8.65 0.84 -22.93
C GLN B 79 -9.75 0.63 -21.91
N LYS B 80 -11.01 0.81 -22.34
CA LYS B 80 -12.15 0.53 -21.48
C LYS B 80 -12.25 -0.94 -21.10
N VAL B 81 -12.12 -1.82 -22.10
CA VAL B 81 -12.04 -3.26 -21.87
C VAL B 81 -10.96 -3.57 -20.80
N LEU B 82 -9.76 -3.03 -21.00
CA LEU B 82 -8.62 -3.25 -20.07
C LEU B 82 -8.95 -2.79 -18.65
N ASN B 83 -9.67 -1.67 -18.55
CA ASN B 83 -10.06 -1.12 -17.26
C ASN B 83 -11.04 -2.08 -16.56
N VAL B 84 -12.10 -2.48 -17.28
CA VAL B 84 -13.06 -3.42 -16.74
C VAL B 84 -12.36 -4.73 -16.32
N SER B 85 -11.44 -5.19 -17.16
CA SER B 85 -10.73 -6.44 -16.88
C SER B 85 -9.90 -6.32 -15.58
N PHE B 86 -9.14 -5.22 -15.47
CA PHE B 86 -8.39 -4.87 -14.26
C PHE B 86 -9.30 -4.76 -13.03
N ALA B 87 -10.46 -4.10 -13.19
CA ALA B 87 -11.46 -4.09 -12.12
C ALA B 87 -11.95 -5.49 -11.75
N PHE B 88 -12.17 -6.36 -12.75
CA PHE B 88 -12.62 -7.72 -12.50
C PHE B 88 -11.55 -8.54 -11.73
N GLU B 89 -10.28 -8.26 -12.04
CA GLU B 89 -9.14 -8.87 -11.35
C GLU B 89 -9.10 -8.40 -9.90
N LEU B 90 -9.34 -7.09 -9.68
CA LEU B 90 -9.41 -6.53 -8.30
C LEU B 90 -10.56 -7.17 -7.54
N MET B 91 -11.69 -7.37 -8.20
CA MET B 91 -12.81 -8.09 -7.59
C MET B 91 -12.45 -9.47 -7.09
N GLN B 92 -11.75 -10.23 -7.93
CA GLN B 92 -11.29 -11.57 -7.57
C GLN B 92 -10.25 -11.52 -6.44
N ASP B 93 -9.39 -10.51 -6.43
CA ASP B 93 -8.43 -10.34 -5.31
C ASP B 93 -9.18 -10.10 -3.99
N GLY B 94 -10.34 -9.45 -4.06
CA GLY B 94 -11.19 -9.23 -2.91
C GLY B 94 -11.98 -10.45 -2.49
N GLY B 95 -11.86 -11.54 -3.25
CA GLY B 95 -12.46 -12.82 -2.92
C GLY B 95 -13.73 -13.18 -3.68
N LEU B 96 -14.19 -12.29 -4.55
CA LEU B 96 -15.33 -12.62 -5.43
C LEU B 96 -14.91 -13.63 -6.45
N GLU B 97 -15.82 -14.53 -6.84
CA GLU B 97 -15.53 -15.41 -7.99
C GLU B 97 -15.46 -14.58 -9.26
N LYS B 98 -14.81 -15.13 -10.29
CA LYS B 98 -14.67 -14.42 -11.54
C LYS B 98 -16.08 -14.02 -12.01
N PRO B 99 -16.27 -12.71 -12.34
CA PRO B 99 -17.57 -12.24 -12.81
C PRO B 99 -18.05 -13.00 -14.04
N LYS B 100 -19.36 -13.24 -14.09
CA LYS B 100 -19.96 -13.96 -15.22
C LYS B 100 -19.86 -13.20 -16.55
N PRO B 101 -20.16 -11.89 -16.54
CA PRO B 101 -20.08 -11.13 -17.80
C PRO B 101 -18.66 -10.99 -18.31
N ARG B 102 -18.49 -10.98 -19.65
CA ARG B 102 -17.23 -10.59 -20.29
C ARG B 102 -17.01 -9.09 -20.10
N PRO B 103 -15.73 -8.64 -20.04
CA PRO B 103 -15.52 -7.21 -19.80
C PRO B 103 -16.21 -6.39 -20.89
N GLU B 104 -16.33 -6.95 -22.09
CA GLU B 104 -16.95 -6.25 -23.24
C GLU B 104 -18.44 -5.96 -23.01
N ASP B 105 -19.11 -6.86 -22.30
CA ASP B 105 -20.53 -6.73 -21.97
C ASP B 105 -20.80 -5.51 -21.13
N ILE B 106 -19.84 -5.16 -20.28
CA ILE B 106 -19.94 -3.99 -19.43
C ILE B 106 -19.74 -2.77 -20.29
N VAL B 107 -18.70 -2.80 -21.08
CA VAL B 107 -18.36 -1.67 -21.93
C VAL B 107 -19.49 -1.39 -22.93
N ASN B 108 -20.08 -2.46 -23.48
CA ASN B 108 -21.27 -2.37 -24.38
C ASN B 108 -22.63 -1.99 -23.69
N CYS B 109 -22.58 -1.69 -22.41
CA CYS B 109 -23.75 -1.22 -21.66
C CYS B 109 -24.89 -2.25 -21.59
N ASP B 110 -24.54 -3.53 -21.42
CA ASP B 110 -25.56 -4.51 -21.12
C ASP B 110 -26.02 -4.35 -19.66
N LEU B 111 -27.29 -3.95 -19.48
CA LEU B 111 -27.76 -3.57 -18.15
C LEU B 111 -27.76 -4.74 -17.17
N LYS B 112 -28.22 -5.90 -17.64
CA LYS B 112 -28.22 -7.09 -16.78
C LYS B 112 -26.80 -7.37 -16.25
N SER B 113 -25.83 -7.33 -17.15
CA SER B 113 -24.43 -7.62 -16.86
C SER B 113 -23.88 -6.67 -15.82
N THR B 114 -24.00 -5.38 -16.11
CA THR B 114 -23.67 -4.29 -15.20
C THR B 114 -24.35 -4.47 -13.83
N LEU B 115 -25.68 -4.69 -13.83
CA LEU B 115 -26.39 -4.78 -12.55
C LEU B 115 -25.96 -6.02 -11.79
N ARG B 116 -25.64 -7.10 -12.51
CA ARG B 116 -25.18 -8.32 -11.85
C ARG B 116 -23.92 -8.01 -11.06
N VAL B 117 -22.94 -7.40 -11.76
CA VAL B 117 -21.66 -7.01 -11.15
C VAL B 117 -21.86 -6.10 -9.94
N LEU B 118 -22.73 -5.09 -10.11
CA LEU B 118 -23.00 -4.14 -9.05
C LEU B 118 -23.69 -4.82 -7.86
N TYR B 119 -24.55 -5.79 -8.18
CA TYR B 119 -25.35 -6.53 -7.19
C TYR B 119 -24.45 -7.41 -6.35
N ASN B 120 -23.54 -8.11 -7.02
CA ASN B 120 -22.58 -8.97 -6.35
C ASN B 120 -21.66 -8.17 -5.43
N LEU B 121 -21.34 -6.96 -5.86
CA LEU B 121 -20.60 -6.02 -5.03
C LEU B 121 -21.42 -5.63 -3.79
N PHE B 122 -22.67 -5.21 -4.00
CA PHE B 122 -23.55 -4.81 -2.90
C PHE B 122 -23.62 -5.88 -1.82
N THR B 123 -23.82 -7.11 -2.24
CA THR B 123 -24.09 -8.25 -1.38
C THR B 123 -22.84 -8.63 -0.60
N LYS B 124 -21.69 -8.18 -1.11
CA LYS B 124 -20.40 -8.45 -0.49
C LYS B 124 -20.02 -7.32 0.44
N TYR B 125 -20.28 -6.09 0.01
CA TYR B 125 -19.75 -4.90 0.67
C TYR B 125 -20.84 -4.13 1.41
N ARG B 126 -21.89 -4.85 1.79
CA ARG B 126 -23.08 -4.29 2.46
C ARG B 126 -22.73 -3.33 3.60
N ASN B 127 -21.81 -3.75 4.46
CA ASN B 127 -21.55 -3.09 5.72
C ASN B 127 -20.39 -2.07 5.75
N VAL B 128 -19.66 -1.97 4.63
CA VAL B 128 -18.55 -1.03 4.48
C VAL B 128 -19.04 0.42 4.55
N GLU B 129 -18.37 1.24 5.36
CA GLU B 129 -18.77 2.65 5.56
C GLU B 129 -17.76 3.67 4.98
MN MN C . 4.38 -5.85 6.62
PG ATP D . 1.89 -5.72 4.40
O1G ATP D . 3.34 -5.96 4.69
O2G ATP D . 1.66 -4.92 3.09
O3G ATP D . 1.21 -7.14 4.16
PB ATP D . 1.35 -4.79 7.09
O1B ATP D . 2.79 -4.50 7.29
O2B ATP D . 0.33 -3.78 7.50
O3B ATP D . 1.00 -5.03 5.59
PA ATP D . 1.91 -7.37 8.28
O1A ATP D . 1.02 -8.57 8.34
O2A ATP D . 3.16 -7.40 7.47
O3A ATP D . 0.95 -6.16 7.80
O5' ATP D . 2.26 -6.92 9.71
C5' ATP D . 1.25 -7.10 10.78
C4' ATP D . 1.86 -6.65 12.14
O4' ATP D . 2.99 -7.50 12.46
C3' ATP D . 2.51 -5.26 12.04
O3' ATP D . 1.55 -4.23 12.30
C2' ATP D . 3.54 -5.28 13.15
O2' ATP D . 2.87 -4.99 14.41
C1' ATP D . 3.98 -6.74 13.15
N9 ATP D . 5.32 -6.94 12.54
C8 ATP D . 5.73 -6.85 11.26
N7 ATP D . 7.05 -7.16 11.20
C5 ATP D . 7.47 -7.42 12.44
C6 ATP D . 8.70 -7.80 13.03
N6 ATP D . 9.86 -7.96 12.35
N1 ATP D . 8.73 -8.01 14.36
C2 ATP D . 7.64 -7.88 15.10
N3 ATP D . 6.47 -7.53 14.62
C4 ATP D . 6.36 -7.30 13.27
#